data_5IW6
#
_entry.id   5IW6
#
_cell.length_a   49.450
_cell.length_b   80.004
_cell.length_c   139.324
_cell.angle_alpha   90.00
_cell.angle_beta   90.00
_cell.angle_gamma   90.00
#
_symmetry.space_group_name_H-M   'P 21 21 21'
#
loop_
_entity.id
_entity.type
_entity.pdbx_description
1 polymer 'Ig gamma-1 chain C region'
2 polymer 'Ig gamma-1 chain C region'
3 branched beta-D-galactopyranose-(1-4)-2-acetamido-2-deoxy-beta-D-glucopyranose-(1-2)-beta-D-mannopyranose-(1-6)-[2-acetamido-2-deoxy-beta-D-glucopyranose-(1-2)-alpha-D-mannopyranose-(1-3)]beta-D-mannopyranose-(1-4)-2-acetamido-2-deoxy-beta-D-glucopyranose-(1-4)-2-acetamido-2-deoxy-beta-D-glucopyranose
4 water water
#
loop_
_entity_poly.entity_id
_entity_poly.type
_entity_poly.pdbx_seq_one_letter_code
_entity_poly.pdbx_strand_id
1 'polypeptide(L)'
;GGPSVFLFPPKPKDTLMISRTPEVTCVVVDVSHEDPEVKFNWYVDGVEVHNAKTKPREEQYNSTYRVVSVLTVLHQDWLN
GKEYKCKVSNKALPAPIEKTISKAKGQPREPQVYTLPPSREEMTKNQVSLTCLVKGFYPSDIAVEWESNGQPENNYKTTP
PVLDSDGSFFLYSKLTVDKSRWQQGNVFSCSVMHEALHNHYTQKSLSLS
;
A
2 'polypeptide(L)'
;SVFLFPPKPKDTLMISRTPEVTCVVVDVSHEDPEVKFNWYVDGVEVHNAKTKPREEQYNSTYRVVSVLTVLHQDWLNGKE
YKCKVSNKALPAPIEKTISKAKGQPREPQVYTLPPSREEMTKNQVSLTCLVKGFYPSDIAVEWESNGQPENNYKTTPPVL
DSDGSFFLYSKLTVDKSRWQQGNVFSCSVMHEALHNHYTQKSLSL
;
B
#
# COMPACT_ATOMS: atom_id res chain seq x y z
N GLY A 1 20.38 -22.68 1.13
CA GLY A 1 19.18 -22.09 1.79
C GLY A 1 18.11 -23.14 2.08
N GLY A 2 17.89 -23.43 3.35
CA GLY A 2 16.93 -24.46 3.75
C GLY A 2 15.49 -23.98 3.77
N PRO A 3 14.69 -24.50 4.72
CA PRO A 3 13.31 -24.05 4.84
C PRO A 3 13.22 -22.62 5.37
N SER A 4 12.14 -21.93 5.03
CA SER A 4 11.90 -20.55 5.46
C SER A 4 10.69 -20.46 6.37
N VAL A 5 10.65 -19.40 7.19
CA VAL A 5 9.58 -19.18 8.17
C VAL A 5 8.93 -17.80 8.03
N PHE A 6 7.60 -17.80 8.05
CA PHE A 6 6.82 -16.60 7.98
C PHE A 6 5.78 -16.63 9.10
N LEU A 7 5.61 -15.48 9.76
CA LEU A 7 4.74 -15.35 10.93
C LEU A 7 3.69 -14.27 10.73
N PHE A 8 2.42 -14.65 10.77
CA PHE A 8 1.35 -13.76 10.44
C PHE A 8 0.54 -13.39 11.66
N PRO A 9 0.17 -12.10 11.77
CA PRO A 9 -0.61 -11.64 12.90
C PRO A 9 -2.08 -12.02 12.68
N PRO A 10 -2.92 -11.84 13.71
CA PRO A 10 -4.35 -11.96 13.51
C PRO A 10 -4.89 -10.82 12.67
N LYS A 11 -6.17 -10.93 12.35
CA LYS A 11 -6.84 -9.92 11.55
C LYS A 11 -7.34 -8.86 12.49
N PRO A 12 -7.25 -7.60 12.09
CA PRO A 12 -7.57 -6.55 13.02
C PRO A 12 -8.96 -6.66 13.61
N LYS A 13 -9.92 -7.21 12.86
CA LYS A 13 -11.29 -7.34 13.33
C LYS A 13 -11.38 -8.37 14.46
N ASP A 14 -10.52 -9.38 14.36
CA ASP A 14 -10.54 -10.53 15.27
C ASP A 14 -10.08 -10.19 16.68
N THR A 15 -9.11 -9.29 16.80
CA THR A 15 -8.59 -8.90 18.11
C THR A 15 -9.54 -7.92 18.81
N LEU A 16 -10.44 -7.33 18.06
CA LEU A 16 -11.30 -6.27 18.57
C LEU A 16 -12.69 -6.73 19.00
N MET A 17 -13.07 -7.95 18.63
CA MET A 17 -14.39 -8.44 18.98
C MET A 17 -14.25 -9.72 19.75
N ILE A 18 -14.83 -9.76 20.95
CA ILE A 18 -14.76 -10.94 21.83
C ILE A 18 -15.33 -12.17 21.14
N SER A 19 -16.35 -11.94 20.32
CA SER A 19 -17.03 -12.99 19.58
C SER A 19 -16.09 -13.74 18.62
N ARG A 20 -15.06 -13.06 18.12
CA ARG A 20 -14.15 -13.69 17.16
C ARG A 20 -12.91 -14.27 17.82
N THR A 21 -12.17 -15.03 17.03
CA THR A 21 -11.04 -15.81 17.51
C THR A 21 -9.78 -15.38 16.80
N PRO A 22 -8.97 -14.53 17.46
CA PRO A 22 -7.72 -14.08 16.83
C PRO A 22 -6.63 -15.11 16.93
N GLU A 23 -5.82 -15.23 15.87
CA GLU A 23 -4.77 -16.22 15.84
C GLU A 23 -3.52 -15.66 15.22
N VAL A 24 -2.38 -16.24 15.59
CA VAL A 24 -1.12 -15.97 14.91
C VAL A 24 -0.70 -17.26 14.25
N THR A 25 -0.13 -17.14 13.06
CA THR A 25 0.12 -18.29 12.24
C THR A 25 1.56 -18.34 11.79
N CYS A 26 2.22 -19.44 12.12
CA CYS A 26 3.61 -19.63 11.79
C CYS A 26 3.68 -20.62 10.63
N VAL A 27 4.24 -20.20 9.50
CA VAL A 27 4.21 -21.03 8.32
C VAL A 27 5.63 -21.38 7.95
N VAL A 28 5.90 -22.68 7.82
CA VAL A 28 7.20 -23.17 7.36
C VAL A 28 7.07 -23.70 5.94
N VAL A 29 7.96 -23.26 5.08
CA VAL A 29 7.99 -23.69 3.68
C VAL A 29 9.39 -24.17 3.27
N ASP A 30 9.47 -24.90 2.15
CA ASP A 30 10.74 -25.45 1.63
C ASP A 30 11.39 -26.39 2.63
N VAL A 31 10.57 -27.27 3.19
CA VAL A 31 11.05 -28.35 4.04
C VAL A 31 11.30 -29.53 3.11
N SER A 32 12.50 -30.11 3.16
CA SER A 32 12.88 -31.18 2.23
C SER A 32 12.24 -32.52 2.58
N HIS A 33 12.45 -33.49 1.70
CA HIS A 33 12.06 -34.88 1.93
C HIS A 33 13.07 -35.63 2.79
N GLU A 34 14.35 -35.31 2.62
CA GLU A 34 15.42 -35.92 3.41
C GLU A 34 15.16 -35.74 4.91
N ASP A 35 14.78 -34.52 5.29
CA ASP A 35 14.51 -34.17 6.69
C ASP A 35 13.16 -33.44 6.82
N PRO A 36 12.05 -34.20 6.82
CA PRO A 36 10.70 -33.63 6.76
C PRO A 36 10.02 -33.34 8.11
N GLU A 37 10.60 -33.79 9.21
CA GLU A 37 9.98 -33.56 10.53
C GLU A 37 10.42 -32.20 11.05
N VAL A 38 9.44 -31.38 11.43
CA VAL A 38 9.70 -30.04 11.96
C VAL A 38 9.08 -29.88 13.35
N LYS A 39 9.78 -29.19 14.25
CA LYS A 39 9.23 -28.89 15.57
C LYS A 39 8.90 -27.40 15.75
N PHE A 40 7.73 -27.14 16.34
CA PHE A 40 7.31 -25.80 16.72
C PHE A 40 7.37 -25.56 18.23
N ASN A 41 8.07 -24.52 18.65
CA ASN A 41 7.92 -24.00 20.01
C ASN A 41 7.33 -22.60 19.97
N TRP A 42 6.36 -22.36 20.85
CA TRP A 42 5.74 -21.05 20.99
C TRP A 42 5.98 -20.39 22.35
N TYR A 43 6.28 -19.09 22.29
CA TYR A 43 6.48 -18.27 23.48
C TYR A 43 5.67 -16.98 23.39
N VAL A 44 5.05 -16.63 24.51
CA VAL A 44 4.36 -15.37 24.72
C VAL A 44 5.21 -14.61 25.74
N ASP A 45 5.84 -13.54 25.27
CA ASP A 45 6.75 -12.74 26.10
C ASP A 45 7.92 -13.56 26.70
N GLY A 46 8.40 -14.52 25.90
CA GLY A 46 9.49 -15.38 26.31
C GLY A 46 9.04 -16.60 27.11
N VAL A 47 7.81 -16.64 27.57
CA VAL A 47 7.34 -17.79 28.35
C VAL A 47 6.70 -18.82 27.43
N GLU A 48 7.24 -20.04 27.41
CA GLU A 48 6.75 -21.08 26.48
C GLU A 48 5.30 -21.42 26.76
N VAL A 49 4.54 -21.72 25.70
CA VAL A 49 3.12 -22.08 25.80
C VAL A 49 2.84 -23.30 24.95
N HIS A 50 1.76 -24.00 25.27
CA HIS A 50 1.61 -25.38 24.82
C HIS A 50 0.30 -25.68 24.14
N ASN A 51 -0.46 -24.66 23.80
CA ASN A 51 -1.78 -24.88 23.25
C ASN A 51 -1.87 -24.63 21.73
N ALA A 52 -0.74 -24.45 21.05
CA ALA A 52 -0.78 -24.32 19.58
C ALA A 52 -1.33 -25.59 18.92
N LYS A 53 -1.85 -25.46 17.70
CA LYS A 53 -2.41 -26.60 16.96
C LYS A 53 -1.73 -26.67 15.63
N THR A 54 -0.92 -27.69 15.44
CA THR A 54 -0.14 -27.81 14.22
C THR A 54 -0.83 -28.73 13.21
N LYS A 55 -1.00 -28.24 11.99
CA LYS A 55 -1.64 -29.05 10.94
C LYS A 55 -0.61 -30.09 10.49
N PRO A 56 -1.08 -31.30 10.10
CA PRO A 56 -0.16 -32.28 9.51
C PRO A 56 0.40 -31.81 8.17
N ARG A 57 1.69 -32.07 7.96
CA ARG A 57 2.42 -31.47 6.85
C ARG A 57 1.86 -31.83 5.47
N GLU A 58 1.83 -30.83 4.57
CA GLU A 58 1.34 -30.98 3.21
C GLU A 58 2.50 -30.93 2.23
N GLU A 59 2.60 -31.96 1.39
CA GLU A 59 3.57 -31.93 0.29
C GLU A 59 3.05 -30.98 -0.79
N GLN A 60 3.98 -30.32 -1.46
CA GLN A 60 3.66 -29.45 -2.56
C GLN A 60 4.07 -30.15 -3.84
N TYR A 61 3.75 -29.53 -4.97
CA TYR A 61 4.09 -30.12 -6.25
C TYR A 61 5.58 -29.99 -6.58
N ASN A 62 6.24 -29.01 -5.94
CA ASN A 62 7.70 -28.84 -6.10
C ASN A 62 8.53 -29.71 -5.14
N SER A 63 7.85 -30.65 -4.46
CA SER A 63 8.49 -31.61 -3.55
C SER A 63 9.03 -30.98 -2.26
N THR A 64 8.52 -29.82 -1.90
CA THR A 64 8.79 -29.22 -0.60
C THR A 64 7.64 -29.61 0.29
N TYR A 65 7.86 -29.58 1.59
CA TYR A 65 6.78 -29.69 2.56
C TYR A 65 6.51 -28.32 3.16
N ARG A 66 5.22 -28.04 3.31
CA ARG A 66 4.73 -26.83 3.90
C ARG A 66 3.98 -27.23 5.15
N VAL A 67 4.34 -26.66 6.29
CA VAL A 67 3.58 -26.96 7.52
C VAL A 67 3.32 -25.70 8.37
N VAL A 68 2.14 -25.67 8.98
CA VAL A 68 1.68 -24.50 9.67
C VAL A 68 1.25 -24.83 11.09
N SER A 69 1.51 -23.90 12.00
CA SER A 69 1.09 -23.98 13.38
C SER A 69 0.28 -22.72 13.68
N VAL A 70 -0.85 -22.92 14.36
CA VAL A 70 -1.77 -21.86 14.68
C VAL A 70 -1.88 -21.66 16.19
N LEU A 71 -1.57 -20.47 16.68
CA LEU A 71 -1.72 -20.18 18.10
C LEU A 71 -2.85 -19.19 18.29
N THR A 72 -3.88 -19.58 19.02
CA THR A 72 -4.91 -18.61 19.34
C THR A 72 -4.35 -17.67 20.41
N VAL A 73 -4.69 -16.39 20.30
CA VAL A 73 -4.20 -15.39 21.24
C VAL A 73 -5.39 -14.85 22.00
N LEU A 74 -5.20 -14.48 23.25
CA LEU A 74 -6.24 -13.80 23.95
C LEU A 74 -6.26 -12.34 23.46
N HIS A 75 -7.46 -11.81 23.29
CA HIS A 75 -7.67 -10.50 22.70
C HIS A 75 -6.85 -9.46 23.47
N GLN A 76 -6.93 -9.51 24.78
CA GLN A 76 -6.25 -8.53 25.63
C GLN A 76 -4.75 -8.68 25.67
N ASP A 77 -4.22 -9.88 25.40
CA ASP A 77 -2.79 -10.05 25.32
C ASP A 77 -2.27 -9.35 24.07
N TRP A 78 -3.03 -9.42 22.99
CA TRP A 78 -2.55 -8.85 21.77
C TRP A 78 -2.56 -7.33 21.91
N LEU A 79 -3.67 -6.81 22.42
CA LEU A 79 -3.87 -5.38 22.58
C LEU A 79 -3.00 -4.80 23.67
N ASN A 80 -2.58 -5.66 24.59
CA ASN A 80 -1.59 -5.31 25.58
C ASN A 80 -0.13 -5.45 25.12
N GLY A 81 0.09 -5.77 23.85
CA GLY A 81 1.42 -5.71 23.29
C GLY A 81 2.28 -6.92 23.58
N LYS A 82 1.68 -8.04 24.00
CA LYS A 82 2.50 -9.23 24.20
C LYS A 82 3.21 -9.65 22.91
N GLU A 83 4.42 -10.16 23.05
CA GLU A 83 5.18 -10.67 21.92
C GLU A 83 5.03 -12.19 21.76
N TYR A 84 4.83 -12.63 20.51
CA TYR A 84 4.55 -14.03 20.20
C TYR A 84 5.68 -14.55 19.35
N LYS A 85 6.40 -15.54 19.86
CA LYS A 85 7.56 -16.05 19.16
C LYS A 85 7.27 -17.45 18.70
N CYS A 86 7.55 -17.69 17.43
CA CYS A 86 7.53 -19.01 16.84
C CYS A 86 8.97 -19.48 16.61
N LYS A 87 9.32 -20.62 17.20
CA LYS A 87 10.61 -21.26 16.96
C LYS A 87 10.40 -22.51 16.14
N VAL A 88 11.05 -22.55 14.98
CA VAL A 88 10.96 -23.67 14.07
C VAL A 88 12.27 -24.45 14.08
N SER A 89 12.20 -25.72 14.45
CA SER A 89 13.39 -26.56 14.49
C SER A 89 13.25 -27.67 13.47
N ASN A 90 14.34 -27.92 12.74
CA ASN A 90 14.36 -28.89 11.66
C ASN A 90 15.75 -29.50 11.52
N LYS A 91 15.80 -30.81 11.28
CA LYS A 91 17.07 -31.55 11.22
C LYS A 91 18.05 -30.97 10.19
N ALA A 92 17.54 -30.42 9.10
CA ALA A 92 18.37 -29.86 8.03
C ALA A 92 18.62 -28.35 8.17
N LEU A 93 19.03 -27.91 9.36
CA LEU A 93 19.02 -26.48 9.71
C LEU A 93 20.20 -26.13 10.62
N PRO A 94 21.05 -25.15 10.22
CA PRO A 94 22.21 -24.78 11.04
C PRO A 94 21.87 -24.50 12.51
N ALA A 95 20.71 -23.87 12.73
CA ALA A 95 20.12 -23.69 14.05
C ALA A 95 18.61 -23.47 13.87
N PRO A 96 17.81 -23.64 14.93
CA PRO A 96 16.38 -23.36 14.77
C PRO A 96 16.16 -21.92 14.33
N ILE A 97 15.05 -21.65 13.64
CA ILE A 97 14.72 -20.31 13.18
C ILE A 97 13.61 -19.72 14.05
N GLU A 98 13.77 -18.45 14.42
CA GLU A 98 12.82 -17.80 15.32
C GLU A 98 12.21 -16.57 14.66
N LYS A 99 10.88 -16.41 14.78
CA LYS A 99 10.21 -15.20 14.32
C LYS A 99 9.36 -14.71 15.45
N THR A 100 9.20 -13.40 15.51
CA THR A 100 8.49 -12.76 16.61
C THR A 100 7.58 -11.70 16.02
N ILE A 101 6.35 -11.61 16.54
CA ILE A 101 5.40 -10.66 16.03
C ILE A 101 4.61 -10.14 17.20
N SER A 102 4.09 -8.92 17.06
CA SER A 102 3.30 -8.28 18.09
C SER A 102 2.61 -7.08 17.49
N LYS A 103 1.74 -6.46 18.25
CA LYS A 103 1.09 -5.25 17.83
C LYS A 103 2.20 -4.20 17.77
N ALA A 104 2.10 -3.24 16.85
CA ALA A 104 3.14 -2.25 16.66
C ALA A 104 3.26 -1.39 17.92
N LYS A 105 4.48 -1.08 18.30
CA LYS A 105 4.74 -0.28 19.52
C LYS A 105 4.38 1.19 19.34
N GLY A 106 3.75 1.76 20.35
CA GLY A 106 3.46 3.18 20.38
C GLY A 106 2.21 3.39 21.19
N GLN A 107 1.84 4.65 21.39
CA GLN A 107 0.58 4.96 22.04
C GLN A 107 -0.55 4.95 21.03
N PRO A 108 -1.64 4.22 21.32
CA PRO A 108 -2.81 4.21 20.46
C PRO A 108 -3.42 5.56 20.34
N ARG A 109 -4.02 5.81 19.19
CA ARG A 109 -4.65 7.09 18.92
C ARG A 109 -5.95 6.85 18.20
N GLU A 110 -6.93 7.65 18.59
CA GLU A 110 -8.28 7.45 18.15
C GLU A 110 -8.44 7.91 16.70
N PRO A 111 -9.09 7.10 15.87
CA PRO A 111 -9.35 7.61 14.53
C PRO A 111 -10.35 8.74 14.53
N GLN A 112 -10.15 9.73 13.68
CA GLN A 112 -11.19 10.68 13.37
C GLN A 112 -11.79 10.19 12.08
N VAL A 113 -13.09 10.07 12.01
CA VAL A 113 -13.77 9.55 10.83
C VAL A 113 -14.72 10.58 10.20
N TYR A 114 -14.42 10.98 8.97
CA TYR A 114 -15.20 12.00 8.27
C TYR A 114 -15.69 11.49 6.93
N THR A 115 -16.98 11.65 6.66
CA THR A 115 -17.56 11.22 5.41
C THR A 115 -17.72 12.41 4.46
N LEU A 116 -17.54 12.15 3.16
CA LEU A 116 -17.38 13.19 2.15
C LEU A 116 -18.21 12.83 0.93
N PRO A 117 -19.13 13.74 0.53
CA PRO A 117 -20.01 13.47 -0.60
C PRO A 117 -19.29 13.64 -1.94
N PRO A 118 -19.89 13.10 -3.02
CA PRO A 118 -19.38 13.24 -4.40
C PRO A 118 -19.16 14.69 -4.80
N SER A 119 -18.05 14.97 -5.47
CA SER A 119 -17.86 16.21 -6.21
C SER A 119 -19.05 16.46 -7.11
N ARG A 120 -19.46 17.72 -7.19
CA ARG A 120 -20.45 18.18 -8.19
C ARG A 120 -20.10 17.60 -9.57
N GLU A 121 -18.82 17.73 -9.95
CA GLU A 121 -18.31 17.25 -11.24
C GLU A 121 -18.64 15.80 -11.50
N GLU A 122 -18.64 14.98 -10.46
CA GLU A 122 -18.88 13.54 -10.65
C GLU A 122 -20.35 13.21 -10.96
N MET A 123 -21.26 14.12 -10.63
CA MET A 123 -22.70 13.86 -10.79
C MET A 123 -23.16 13.63 -12.22
N THR A 124 -22.36 14.07 -13.17
CA THR A 124 -22.63 13.80 -14.57
C THR A 124 -22.48 12.32 -14.97
N LYS A 125 -21.98 11.48 -14.05
CA LYS A 125 -21.73 10.07 -14.37
C LYS A 125 -22.87 9.21 -13.87
N ASN A 126 -22.90 7.95 -14.32
CA ASN A 126 -23.93 7.01 -13.90
C ASN A 126 -23.73 6.48 -12.50
N GLN A 127 -22.52 6.64 -12.00
CA GLN A 127 -22.16 6.17 -10.67
C GLN A 127 -21.27 7.22 -10.00
N VAL A 128 -21.35 7.28 -8.68
CA VAL A 128 -20.61 8.27 -7.89
C VAL A 128 -19.92 7.68 -6.68
N SER A 129 -19.04 8.49 -6.12
CA SER A 129 -18.08 8.04 -5.14
C SER A 129 -18.40 8.63 -3.77
N LEU A 130 -18.71 7.75 -2.84
CA LEU A 130 -18.86 8.16 -1.46
C LEU A 130 -17.56 7.84 -0.75
N THR A 131 -17.02 8.85 -0.07
CA THR A 131 -15.71 8.79 0.55
C THR A 131 -15.75 8.78 2.08
N CYS A 132 -14.92 7.93 2.68
CA CYS A 132 -14.73 7.93 4.13
C CYS A 132 -13.29 8.21 4.44
N LEU A 133 -13.02 9.35 5.07
CA LEU A 133 -11.67 9.67 5.46
C LEU A 133 -11.52 9.30 6.90
N VAL A 134 -10.51 8.50 7.18
CA VAL A 134 -10.22 8.07 8.53
C VAL A 134 -8.80 8.46 8.79
N LYS A 135 -8.57 9.28 9.79
CA LYS A 135 -7.22 9.75 10.02
C LYS A 135 -6.84 9.79 11.51
N GLY A 136 -5.57 9.97 11.78
CA GLY A 136 -5.15 10.19 13.16
C GLY A 136 -5.05 8.93 14.01
N PHE A 137 -5.10 7.77 13.37
CA PHE A 137 -5.05 6.55 14.14
C PHE A 137 -3.66 5.92 14.28
N TYR A 138 -3.48 5.23 15.39
CA TYR A 138 -2.28 4.42 15.65
C TYR A 138 -2.71 3.31 16.62
N PRO A 139 -2.27 2.06 16.39
CA PRO A 139 -1.46 1.61 15.28
C PRO A 139 -2.34 1.50 14.04
N SER A 140 -1.80 0.93 12.95
CA SER A 140 -2.44 0.98 11.64
C SER A 140 -3.45 -0.10 11.41
N ASP A 141 -3.52 -1.06 12.32
CA ASP A 141 -4.54 -2.10 12.30
C ASP A 141 -5.91 -1.50 12.42
N ILE A 142 -6.76 -1.72 11.44
CA ILE A 142 -8.07 -1.08 11.40
C ILE A 142 -8.95 -1.83 10.42
N ALA A 143 -10.25 -1.75 10.58
CA ALA A 143 -11.15 -2.32 9.58
C ALA A 143 -12.20 -1.29 9.24
N VAL A 144 -12.57 -1.29 7.97
CA VAL A 144 -13.52 -0.31 7.44
C VAL A 144 -14.54 -1.02 6.60
N GLU A 145 -15.79 -0.59 6.71
CA GLU A 145 -16.90 -1.26 6.01
C GLU A 145 -17.97 -0.23 5.73
N TRP A 146 -18.77 -0.46 4.69
CA TRP A 146 -19.89 0.43 4.37
C TRP A 146 -21.18 -0.35 4.41
N GLU A 147 -22.23 0.34 4.82
CA GLU A 147 -23.58 -0.22 4.85
C GLU A 147 -24.55 0.85 4.45
N SER A 148 -25.70 0.40 3.97
CA SER A 148 -26.88 1.25 3.85
C SER A 148 -28.12 0.46 4.23
N ASN A 149 -28.99 1.06 5.05
CA ASN A 149 -30.24 0.42 5.51
C ASN A 149 -30.04 -0.95 6.16
N GLY A 150 -29.01 -1.03 7.00
CA GLY A 150 -28.71 -2.28 7.70
C GLY A 150 -27.91 -3.28 6.90
N GLN A 151 -27.82 -3.10 5.58
CA GLN A 151 -27.17 -4.09 4.71
C GLN A 151 -25.77 -3.68 4.22
N PRO A 152 -24.88 -4.67 4.03
CA PRO A 152 -23.55 -4.41 3.46
C PRO A 152 -23.56 -3.89 2.03
N GLU A 153 -22.98 -2.73 1.80
CA GLU A 153 -22.65 -2.30 0.44
C GLU A 153 -21.41 -3.06 0.03
N ASN A 154 -21.44 -3.71 -1.13
CA ASN A 154 -20.32 -4.56 -1.50
C ASN A 154 -19.31 -3.92 -2.45
N ASN A 155 -19.73 -2.89 -3.17
CA ASN A 155 -18.87 -2.22 -4.13
C ASN A 155 -18.02 -1.09 -3.53
N TYR A 156 -17.03 -1.44 -2.73
CA TYR A 156 -16.15 -0.43 -2.12
C TYR A 156 -14.74 -0.90 -2.10
N LYS A 157 -13.81 0.06 -2.01
CA LYS A 157 -12.40 -0.27 -1.84
C LYS A 157 -11.84 0.70 -0.85
N THR A 158 -10.88 0.22 -0.08
CA THR A 158 -10.24 0.98 0.96
C THR A 158 -8.75 0.99 0.65
N THR A 159 -8.10 2.14 0.84
CA THR A 159 -6.66 2.25 0.60
C THR A 159 -5.96 1.58 1.76
N PRO A 160 -4.71 1.11 1.55
CA PRO A 160 -3.89 0.76 2.72
C PRO A 160 -3.72 1.96 3.61
N PRO A 161 -3.42 1.72 4.89
CA PRO A 161 -3.05 2.85 5.74
C PRO A 161 -1.79 3.55 5.25
N VAL A 162 -1.74 4.87 5.43
CA VAL A 162 -0.59 5.66 4.99
C VAL A 162 -0.10 6.43 6.19
N LEU A 163 1.21 6.42 6.39
CA LEU A 163 1.83 7.14 7.51
C LEU A 163 1.81 8.64 7.27
N ASP A 164 1.16 9.37 8.18
CA ASP A 164 1.01 10.80 8.04
C ASP A 164 2.25 11.49 8.64
N SER A 165 2.38 12.79 8.42
CA SER A 165 3.57 13.54 8.92
C SER A 165 3.69 13.51 10.45
N ASP A 166 2.57 13.47 11.15
CA ASP A 166 2.60 13.40 12.61
C ASP A 166 2.92 11.99 13.17
N GLY A 167 3.15 11.01 12.31
CA GLY A 167 3.40 9.63 12.78
C GLY A 167 2.15 8.80 13.08
N SER A 168 0.99 9.41 12.91
CA SER A 168 -0.26 8.70 12.95
C SER A 168 -0.52 8.18 11.55
N PHE A 169 -1.65 7.49 11.36
CA PHE A 169 -1.99 6.92 10.05
C PHE A 169 -3.27 7.48 9.53
N PHE A 170 -3.46 7.39 8.22
CA PHE A 170 -4.76 7.64 7.63
C PHE A 170 -5.04 6.75 6.45
N LEU A 171 -6.30 6.67 6.08
CA LEU A 171 -6.69 6.06 4.83
C LEU A 171 -7.97 6.69 4.31
N TYR A 172 -8.38 6.29 3.12
CA TYR A 172 -9.71 6.63 2.59
C TYR A 172 -10.39 5.35 2.16
N SER A 173 -11.70 5.27 2.33
CA SER A 173 -12.49 4.16 1.76
C SER A 173 -13.39 4.81 0.80
N LYS A 174 -13.53 4.21 -0.37
CA LYS A 174 -14.36 4.74 -1.45
C LYS A 174 -15.48 3.77 -1.74
N LEU A 175 -16.72 4.25 -1.60
CA LEU A 175 -17.87 3.45 -1.93
C LEU A 175 -18.46 3.99 -3.21
N THR A 176 -18.62 3.10 -4.16
CA THR A 176 -19.17 3.43 -5.45
C THR A 176 -20.61 2.97 -5.48
N VAL A 177 -21.52 3.93 -5.68
CA VAL A 177 -22.96 3.63 -5.82
C VAL A 177 -23.57 4.22 -7.09
N ASP A 178 -24.61 3.55 -7.59
CA ASP A 178 -25.43 4.12 -8.66
C ASP A 178 -25.95 5.50 -8.24
N LYS A 179 -25.76 6.48 -9.13
CA LYS A 179 -26.14 7.89 -8.87
C LYS A 179 -27.57 8.03 -8.39
N SER A 180 -28.50 7.37 -9.08
CA SER A 180 -29.91 7.38 -8.67
C SER A 180 -30.00 7.18 -7.15
N ARG A 181 -29.40 6.10 -6.64
CA ARG A 181 -29.46 5.82 -5.20
C ARG A 181 -29.01 6.99 -4.36
N TRP A 182 -28.03 7.74 -4.85
CA TRP A 182 -27.56 8.91 -4.12
C TRP A 182 -28.57 10.04 -4.16
N GLN A 183 -29.12 10.31 -5.34
CA GLN A 183 -30.12 11.38 -5.50
C GLN A 183 -31.41 11.09 -4.75
N GLN A 184 -31.81 9.82 -4.73
CA GLN A 184 -33.00 9.39 -3.97
C GLN A 184 -32.90 9.49 -2.44
N GLY A 185 -31.83 10.09 -1.92
CA GLY A 185 -31.74 10.44 -0.51
C GLY A 185 -31.32 9.32 0.45
N ASN A 186 -30.95 8.14 -0.08
CA ASN A 186 -30.55 7.02 0.78
C ASN A 186 -29.39 7.39 1.68
N VAL A 187 -29.37 6.77 2.85
CA VAL A 187 -28.33 7.06 3.81
C VAL A 187 -27.35 5.90 3.82
N PHE A 188 -26.09 6.28 3.78
CA PHE A 188 -25.01 5.33 3.72
C PHE A 188 -24.19 5.58 4.93
N SER A 189 -23.63 4.52 5.51
CA SER A 189 -22.72 4.72 6.61
C SER A 189 -21.42 3.93 6.49
N CYS A 190 -20.37 4.54 7.02
CA CYS A 190 -19.03 4.02 6.95
C CYS A 190 -18.75 3.54 8.36
N SER A 191 -18.53 2.24 8.53
CA SER A 191 -18.20 1.65 9.84
C SER A 191 -16.70 1.46 9.95
N VAL A 192 -16.15 1.82 11.11
CA VAL A 192 -14.72 1.70 11.36
C VAL A 192 -14.47 1.06 12.72
N MET A 193 -13.60 0.06 12.76
CA MET A 193 -13.19 -0.56 14.01
C MET A 193 -11.71 -0.44 14.28
N HIS A 194 -11.37 -0.03 15.50
CA HIS A 194 -10.01 0.25 15.93
C HIS A 194 -9.89 0.27 17.47
N GLU A 195 -8.76 -0.19 18.00
CA GLU A 195 -8.67 -0.38 19.46
C GLU A 195 -8.91 0.89 20.26
N ALA A 196 -8.49 2.03 19.73
CA ALA A 196 -8.62 3.32 20.42
C ALA A 196 -9.98 3.98 20.29
N LEU A 197 -10.99 3.25 19.82
CA LEU A 197 -12.38 3.71 19.78
C LEU A 197 -13.18 3.06 20.89
N HIS A 198 -14.14 3.81 21.42
CA HIS A 198 -15.11 3.27 22.34
C HIS A 198 -15.79 2.05 21.75
N ASN A 199 -15.83 0.95 22.51
CA ASN A 199 -16.39 -0.30 22.01
C ASN A 199 -15.71 -0.71 20.72
N HIS A 200 -14.51 -0.19 20.48
CA HIS A 200 -13.76 -0.49 19.25
C HIS A 200 -14.57 -0.30 18.00
N TYR A 201 -15.45 0.70 17.99
CA TYR A 201 -16.35 0.87 16.86
C TYR A 201 -16.87 2.29 16.72
N THR A 202 -17.06 2.72 15.47
CA THR A 202 -17.83 3.92 15.19
C THR A 202 -18.38 3.86 13.79
N GLN A 203 -19.49 4.56 13.59
CA GLN A 203 -20.17 4.61 12.33
C GLN A 203 -20.47 6.07 12.01
N LYS A 204 -20.23 6.49 10.77
CA LYS A 204 -20.59 7.84 10.32
C LYS A 204 -21.41 7.68 9.09
N SER A 205 -22.39 8.57 8.95
CA SER A 205 -23.38 8.44 7.89
C SER A 205 -23.21 9.53 6.86
N LEU A 206 -23.68 9.25 5.66
CA LEU A 206 -23.61 10.17 4.54
C LEU A 206 -24.92 10.06 3.79
N SER A 207 -25.55 11.20 3.54
CA SER A 207 -26.65 11.25 2.58
C SER A 207 -26.75 12.63 1.94
N LEU A 208 -27.51 12.71 0.86
CA LEU A 208 -27.71 13.98 0.19
C LEU A 208 -28.52 14.86 1.14
N SER A 209 -27.93 15.99 1.54
CA SER A 209 -28.40 16.85 2.64
C SER A 209 -29.87 16.63 3.09
N SER B 1 21.62 -11.22 -5.19
CA SER B 1 20.41 -11.10 -6.07
C SER B 1 20.36 -9.76 -6.79
N VAL B 2 19.70 -9.74 -7.96
CA VAL B 2 19.46 -8.52 -8.72
C VAL B 2 18.05 -7.99 -8.45
N PHE B 3 17.88 -6.67 -8.55
CA PHE B 3 16.59 -6.00 -8.46
C PHE B 3 16.54 -4.86 -9.44
N LEU B 4 15.54 -4.90 -10.31
CA LEU B 4 15.43 -3.97 -11.41
C LEU B 4 14.27 -3.04 -11.07
N PHE B 5 14.44 -1.76 -11.35
CA PHE B 5 13.49 -0.74 -10.94
C PHE B 5 13.12 0.17 -12.08
N PRO B 6 11.84 0.56 -12.13
CA PRO B 6 11.37 1.38 -13.23
C PRO B 6 11.71 2.85 -12.96
N PRO B 7 11.52 3.70 -13.96
CA PRO B 7 11.62 5.12 -13.73
C PRO B 7 10.45 5.67 -12.92
N LYS B 8 10.60 6.92 -12.48
CA LYS B 8 9.57 7.61 -11.74
C LYS B 8 8.56 8.06 -12.74
N PRO B 9 7.27 7.88 -12.43
CA PRO B 9 6.22 8.28 -13.36
C PRO B 9 6.39 9.67 -13.90
N LYS B 10 6.70 10.61 -13.02
CA LYS B 10 6.83 11.99 -13.42
C LYS B 10 7.96 12.16 -14.45
N ASP B 11 9.04 11.42 -14.25
CA ASP B 11 10.23 11.51 -15.10
C ASP B 11 9.96 11.08 -16.54
N THR B 12 9.07 10.10 -16.73
CA THR B 12 8.75 9.61 -18.07
C THR B 12 7.76 10.51 -18.77
N LEU B 13 7.12 11.40 -18.02
CA LEU B 13 6.03 12.21 -18.56
C LEU B 13 6.43 13.63 -18.99
N MET B 14 7.58 14.12 -18.53
CA MET B 14 8.05 15.46 -18.89
C MET B 14 9.40 15.39 -19.56
N ILE B 15 9.45 15.90 -20.78
CA ILE B 15 10.66 15.90 -21.60
C ILE B 15 11.87 16.47 -20.85
N SER B 16 11.66 17.52 -20.07
CA SER B 16 12.74 18.15 -19.32
C SER B 16 13.44 17.21 -18.34
N ARG B 17 12.75 16.16 -17.88
CA ARG B 17 13.31 15.27 -16.84
C ARG B 17 13.98 14.06 -17.47
N THR B 18 14.75 13.33 -16.68
CA THR B 18 15.58 12.24 -17.22
C THR B 18 15.13 10.93 -16.60
N PRO B 19 14.40 10.12 -17.38
CA PRO B 19 13.93 8.86 -16.83
C PRO B 19 15.03 7.81 -16.83
N GLU B 20 15.05 6.97 -15.80
CA GLU B 20 16.06 5.94 -15.72
C GLU B 20 15.61 4.67 -15.00
N VAL B 21 15.98 3.54 -15.61
CA VAL B 21 15.84 2.24 -14.93
C VAL B 21 17.15 1.91 -14.22
N THR B 22 17.04 1.13 -13.15
CA THR B 22 18.13 1.01 -12.20
C THR B 22 18.30 -0.42 -11.71
N CYS B 23 19.47 -1.01 -12.00
CA CYS B 23 19.81 -2.37 -11.55
C CYS B 23 20.54 -2.32 -10.20
N VAL B 24 19.93 -2.89 -9.16
CA VAL B 24 20.52 -2.88 -7.82
C VAL B 24 20.92 -4.29 -7.42
N VAL B 25 22.20 -4.59 -7.60
CA VAL B 25 22.77 -5.90 -7.22
C VAL B 25 23.17 -5.87 -5.75
N VAL B 26 23.04 -6.98 -5.05
CA VAL B 26 23.24 -6.99 -3.61
C VAL B 26 23.89 -8.28 -3.07
N ASP B 27 24.24 -8.27 -1.78
CA ASP B 27 24.82 -9.43 -1.11
C ASP B 27 26.12 -9.85 -1.78
N ASP B 32 32.78 -9.48 -1.39
CA ASP B 32 34.12 -9.01 -1.78
C ASP B 32 34.39 -9.00 -3.30
N PRO B 33 33.54 -9.67 -4.12
CA PRO B 33 33.91 -9.79 -5.55
C PRO B 33 33.60 -8.58 -6.47
N GLU B 34 33.92 -8.74 -7.75
CA GLU B 34 33.70 -7.73 -8.81
C GLU B 34 32.46 -8.07 -9.67
N VAL B 35 31.96 -7.12 -10.47
CA VAL B 35 30.67 -7.28 -11.23
C VAL B 35 30.70 -6.73 -12.68
N LYS B 36 29.79 -7.23 -13.54
CA LYS B 36 29.62 -6.74 -14.91
C LYS B 36 28.15 -6.46 -15.21
N PHE B 37 27.87 -5.66 -16.24
CA PHE B 37 26.50 -5.32 -16.62
C PHE B 37 26.33 -5.28 -18.13
N ASN B 38 25.23 -5.84 -18.62
CA ASN B 38 24.82 -5.72 -20.03
C ASN B 38 23.35 -5.29 -20.12
N TRP B 39 23.08 -4.24 -20.89
CA TRP B 39 21.73 -3.69 -20.96
C TRP B 39 21.18 -3.86 -22.36
N TYR B 40 19.95 -4.34 -22.42
CA TYR B 40 19.30 -4.57 -23.69
C TYR B 40 17.91 -3.96 -23.68
N VAL B 41 17.57 -3.38 -24.82
CA VAL B 41 16.30 -2.76 -25.07
C VAL B 41 15.68 -3.59 -26.17
N ASP B 42 14.66 -4.37 -25.85
CA ASP B 42 13.99 -5.23 -26.85
C ASP B 42 15.02 -6.14 -27.55
N GLY B 43 15.86 -6.79 -26.74
CA GLY B 43 16.96 -7.61 -27.25
C GLY B 43 18.21 -6.79 -27.54
N VAL B 44 18.17 -5.99 -28.60
CA VAL B 44 19.28 -5.11 -29.00
C VAL B 44 20.05 -4.59 -27.78
N GLU B 45 21.37 -4.85 -27.71
CA GLU B 45 22.18 -4.27 -26.65
C GLU B 45 22.44 -2.80 -26.97
N VAL B 46 22.67 -2.01 -25.92
CA VAL B 46 23.03 -0.60 -26.06
C VAL B 46 24.15 -0.31 -25.06
N HIS B 47 24.94 0.72 -25.33
CA HIS B 47 26.24 0.90 -24.65
C HIS B 47 26.39 2.27 -23.96
N ASN B 48 25.30 2.77 -23.38
CA ASN B 48 25.30 4.09 -22.75
C ASN B 48 24.83 4.12 -21.28
N ALA B 49 24.84 2.96 -20.62
CA ALA B 49 24.54 2.91 -19.20
C ALA B 49 25.77 3.34 -18.43
N LYS B 50 25.56 3.81 -17.21
CA LYS B 50 26.63 4.30 -16.35
C LYS B 50 26.51 3.63 -15.00
N THR B 51 27.61 3.12 -14.48
CA THR B 51 27.61 2.43 -13.18
C THR B 51 27.85 3.43 -12.06
N LYS B 52 27.03 3.39 -11.01
CA LYS B 52 27.30 4.15 -9.79
C LYS B 52 28.39 3.38 -9.03
N PRO B 53 29.62 3.93 -8.94
CA PRO B 53 30.76 3.22 -8.37
C PRO B 53 30.45 2.32 -7.15
N ARG B 54 31.02 1.11 -7.18
CA ARG B 54 30.73 -0.01 -6.26
C ARG B 54 30.60 0.36 -4.77
N GLU B 55 29.45 0.95 -4.41
CA GLU B 55 29.24 1.55 -3.09
C GLU B 55 29.08 0.50 -2.00
N GLU B 56 29.07 0.96 -0.74
CA GLU B 56 29.31 0.13 0.46
C GLU B 56 28.14 -0.77 0.91
N GLN B 57 28.29 -1.39 2.09
CA GLN B 57 27.33 -2.41 2.57
C GLN B 57 27.13 -2.35 4.09
N TYR B 58 26.45 -3.35 4.64
CA TYR B 58 26.08 -3.35 6.07
C TYR B 58 27.07 -4.02 7.06
N ASN B 59 27.39 -5.32 7.03
CA ASN B 59 27.04 -6.42 6.06
C ASN B 59 27.89 -6.46 4.76
N SER B 60 27.33 -6.95 3.66
N ARG B 63 26.16 -2.50 -2.13
CA ARG B 63 25.41 -2.57 -3.38
C ARG B 63 26.22 -1.98 -4.53
N VAL B 64 26.24 -2.68 -5.67
CA VAL B 64 26.96 -2.24 -6.87
C VAL B 64 25.98 -1.91 -8.00
N VAL B 65 25.56 -0.65 -8.07
CA VAL B 65 24.36 -0.26 -8.83
C VAL B 65 24.69 0.42 -10.17
N SER B 66 24.05 -0.05 -11.23
CA SER B 66 24.15 0.57 -12.55
C SER B 66 22.85 1.30 -12.85
N VAL B 67 22.94 2.31 -13.71
CA VAL B 67 21.82 3.19 -14.03
C VAL B 67 21.84 3.51 -15.51
N LEU B 68 20.79 3.12 -16.22
CA LEU B 68 20.65 3.46 -17.63
C LEU B 68 19.59 4.52 -17.74
N THR B 69 19.82 5.55 -18.54
CA THR B 69 18.75 6.50 -18.79
C THR B 69 17.99 5.97 -19.99
N VAL B 70 16.75 6.42 -20.13
CA VAL B 70 15.89 5.93 -21.20
C VAL B 70 15.18 7.04 -21.90
N LEU B 71 14.71 6.72 -23.09
CA LEU B 71 13.96 7.65 -23.87
C LEU B 71 12.56 7.60 -23.35
N HIS B 72 11.86 8.71 -23.53
CA HIS B 72 10.56 8.87 -22.92
C HIS B 72 9.62 7.94 -23.66
N GLN B 73 9.48 8.18 -24.95
CA GLN B 73 8.55 7.40 -25.74
C GLN B 73 8.87 5.91 -25.83
N ASP B 74 10.11 5.50 -25.59
CA ASP B 74 10.40 4.07 -25.57
C ASP B 74 9.64 3.47 -24.40
N TRP B 75 9.90 3.97 -23.20
CA TRP B 75 9.25 3.44 -22.00
C TRP B 75 7.74 3.41 -22.12
N LEU B 76 7.18 4.51 -22.59
CA LEU B 76 5.75 4.66 -22.79
C LEU B 76 5.23 3.72 -23.85
N ASN B 77 6.04 3.44 -24.86
CA ASN B 77 5.68 2.48 -25.89
C ASN B 77 5.93 1.03 -25.52
N GLY B 78 6.38 0.78 -24.30
CA GLY B 78 6.43 -0.57 -23.76
C GLY B 78 7.71 -1.38 -23.93
N LYS B 79 8.77 -0.78 -24.45
CA LYS B 79 10.01 -1.53 -24.70
C LYS B 79 10.51 -2.22 -23.44
N GLU B 80 11.06 -3.43 -23.58
CA GLU B 80 11.58 -4.17 -22.43
C GLU B 80 13.02 -3.74 -22.18
N TYR B 81 13.39 -3.69 -20.90
CA TYR B 81 14.71 -3.27 -20.52
C TYR B 81 15.29 -4.43 -19.71
N LYS B 82 16.27 -5.10 -20.31
CA LYS B 82 16.89 -6.29 -19.72
C LYS B 82 18.25 -5.96 -19.10
N CYS B 83 18.48 -6.47 -17.90
CA CYS B 83 19.70 -6.25 -17.15
C CYS B 83 20.42 -7.60 -16.87
N LYS B 84 21.46 -7.91 -17.68
CA LYS B 84 22.28 -9.12 -17.49
C LYS B 84 23.49 -8.84 -16.60
N VAL B 85 23.61 -9.59 -15.50
CA VAL B 85 24.65 -9.38 -14.48
C VAL B 85 25.62 -10.56 -14.37
N SER B 86 26.85 -10.40 -14.87
CA SER B 86 27.89 -11.44 -14.76
C SER B 86 28.65 -11.38 -13.43
N ASN B 87 28.98 -12.54 -12.87
CA ASN B 87 29.79 -12.61 -11.65
C ASN B 87 30.32 -14.05 -11.40
N LYS B 88 31.63 -14.14 -11.15
CA LYS B 88 32.28 -15.43 -10.83
C LYS B 88 31.61 -16.14 -9.64
N ALA B 89 31.34 -15.39 -8.56
CA ALA B 89 30.74 -15.97 -7.35
C ALA B 89 29.27 -16.41 -7.52
N LEU B 90 28.55 -15.83 -8.48
CA LEU B 90 27.15 -16.19 -8.72
C LEU B 90 27.06 -17.42 -9.65
N PRO B 91 26.27 -18.46 -9.23
CA PRO B 91 26.08 -19.69 -9.99
C PRO B 91 25.95 -19.51 -11.50
N ALA B 92 25.17 -18.51 -11.93
CA ALA B 92 24.92 -18.26 -13.35
C ALA B 92 24.83 -16.76 -13.60
N PRO B 93 24.93 -16.33 -14.87
CA PRO B 93 24.72 -14.91 -15.21
C PRO B 93 23.23 -14.54 -15.11
N ILE B 94 22.85 -13.91 -13.99
CA ILE B 94 21.46 -13.52 -13.73
C ILE B 94 20.97 -12.44 -14.70
N GLU B 95 19.70 -12.54 -15.07
CA GLU B 95 19.00 -11.53 -15.87
C GLU B 95 17.74 -11.09 -15.14
N LYS B 96 17.26 -9.89 -15.47
CA LYS B 96 15.97 -9.38 -14.98
C LYS B 96 15.41 -8.38 -15.98
N THR B 97 14.11 -8.47 -16.24
CA THR B 97 13.44 -7.59 -17.20
C THR B 97 12.32 -6.80 -16.54
N ILE B 98 12.06 -5.63 -17.11
CA ILE B 98 11.02 -4.76 -16.64
C ILE B 98 10.51 -4.01 -17.85
N SER B 99 9.28 -3.54 -17.77
CA SER B 99 8.65 -2.76 -18.84
C SER B 99 7.41 -2.16 -18.26
N LYS B 100 6.79 -1.26 -19.02
CA LYS B 100 5.61 -0.57 -18.54
C LYS B 100 4.46 -1.55 -18.54
N ALA B 101 3.58 -1.44 -17.56
CA ALA B 101 2.40 -2.29 -17.52
C ALA B 101 1.62 -2.21 -18.85
N LYS B 102 1.18 -3.38 -19.29
CA LYS B 102 0.51 -3.52 -20.59
C LYS B 102 -0.98 -3.17 -20.48
N GLY B 103 -1.55 -2.68 -21.57
CA GLY B 103 -2.97 -2.33 -21.62
C GLY B 103 -3.30 -0.89 -21.99
N GLN B 104 -4.51 -0.73 -22.48
CA GLN B 104 -4.99 0.53 -22.96
C GLN B 104 -4.93 1.51 -21.83
N PRO B 105 -4.15 2.61 -22.00
CA PRO B 105 -4.21 3.66 -20.96
C PRO B 105 -5.59 4.28 -20.81
N ARG B 106 -5.92 4.66 -19.59
CA ARG B 106 -7.17 5.31 -19.30
C ARG B 106 -6.95 6.58 -18.52
N GLU B 107 -7.70 7.61 -18.90
CA GLU B 107 -7.55 8.94 -18.37
C GLU B 107 -8.06 9.06 -16.94
N PRO B 108 -7.25 9.61 -16.02
CA PRO B 108 -7.76 9.78 -14.68
C PRO B 108 -8.83 10.85 -14.59
N GLN B 109 -9.85 10.61 -13.78
CA GLN B 109 -10.81 11.65 -13.44
CA GLN B 109 -10.84 11.62 -13.40
C GLN B 109 -10.37 12.17 -12.08
N VAL B 110 -10.37 13.50 -11.96
CA VAL B 110 -9.86 14.21 -10.83
C VAL B 110 -11.00 15.05 -10.23
N TYR B 111 -11.24 14.83 -8.94
CA TYR B 111 -12.22 15.55 -8.20
C TYR B 111 -11.54 15.97 -6.91
N THR B 112 -11.74 17.23 -6.55
CA THR B 112 -11.27 17.75 -5.30
C THR B 112 -12.48 17.80 -4.40
N LEU B 113 -12.26 17.51 -3.13
CA LEU B 113 -13.31 17.46 -2.12
C LEU B 113 -12.89 18.34 -0.95
N PRO B 114 -13.80 19.20 -0.47
CA PRO B 114 -13.45 20.07 0.64
C PRO B 114 -13.56 19.33 1.98
N PRO B 115 -13.05 19.93 3.08
CA PRO B 115 -13.13 19.30 4.39
C PRO B 115 -14.57 19.01 4.78
N SER B 116 -14.77 18.01 5.63
CA SER B 116 -16.07 17.75 6.21
C SER B 116 -16.47 18.87 7.16
N ARG B 117 -17.76 19.20 7.17
CA ARG B 117 -18.30 20.08 8.21
C ARG B 117 -17.69 19.66 9.55
N GLU B 118 -17.79 18.38 9.87
CA GLU B 118 -17.36 17.89 11.17
C GLU B 118 -15.87 18.09 11.46
N GLU B 119 -15.03 18.20 10.44
CA GLU B 119 -13.60 18.47 10.70
C GLU B 119 -13.36 19.93 11.07
N MET B 120 -14.33 20.80 10.82
CA MET B 120 -14.11 22.24 10.94
C MET B 120 -13.73 22.70 12.36
N THR B 121 -13.92 21.83 13.35
CA THR B 121 -13.60 22.18 14.72
C THR B 121 -12.09 22.28 14.93
N LYS B 122 -11.31 21.57 14.11
CA LYS B 122 -9.90 21.37 14.43
C LYS B 122 -9.03 22.53 13.98
N ASN B 123 -7.81 22.55 14.49
CA ASN B 123 -6.82 23.56 14.14
C ASN B 123 -6.43 23.48 12.65
N GLN B 124 -6.26 22.25 12.16
CA GLN B 124 -5.91 21.99 10.78
C GLN B 124 -7.06 21.27 10.08
N VAL B 125 -7.19 21.43 8.77
CA VAL B 125 -8.22 20.70 8.01
C VAL B 125 -7.64 20.00 6.78
N SER B 126 -8.45 19.11 6.22
CA SER B 126 -8.01 18.14 5.21
C SER B 126 -8.69 18.38 3.86
N LEU B 127 -7.87 18.80 2.91
CA LEU B 127 -8.30 18.96 1.52
C LEU B 127 -7.95 17.69 0.77
N THR B 128 -8.96 17.12 0.11
CA THR B 128 -8.89 15.79 -0.49
C THR B 128 -9.02 15.82 -2.00
N CYS B 129 -8.10 15.19 -2.70
CA CYS B 129 -8.18 15.10 -4.12
C CYS B 129 -8.36 13.63 -4.47
N LEU B 130 -9.53 13.29 -5.02
CA LEU B 130 -9.76 11.94 -5.53
C LEU B 130 -9.36 11.82 -6.98
N VAL B 131 -8.58 10.79 -7.29
CA VAL B 131 -8.15 10.53 -8.64
C VAL B 131 -8.49 9.10 -8.98
N LYS B 132 -9.43 8.88 -9.90
CA LYS B 132 -9.85 7.52 -10.25
C LYS B 132 -9.95 7.26 -11.75
N GLY B 133 -10.03 5.97 -12.05
CA GLY B 133 -10.33 5.51 -13.37
C GLY B 133 -9.13 5.45 -14.25
N PHE B 134 -7.94 5.41 -13.67
CA PHE B 134 -6.74 5.51 -14.49
C PHE B 134 -5.99 4.19 -14.65
N TYR B 135 -5.27 4.10 -15.75
CA TYR B 135 -4.45 2.94 -16.07
C TYR B 135 -3.33 3.36 -17.02
N PRO B 136 -2.11 2.88 -16.80
CA PRO B 136 -1.59 2.11 -15.69
C PRO B 136 -1.52 2.92 -14.41
N SER B 137 -1.05 2.28 -13.35
CA SER B 137 -1.04 2.90 -12.03
C SER B 137 0.10 3.92 -11.87
N ASP B 138 0.92 4.11 -12.90
CA ASP B 138 1.99 5.12 -12.90
C ASP B 138 1.44 6.53 -12.99
N ILE B 139 1.63 7.29 -11.93
CA ILE B 139 1.01 8.59 -11.83
C ILE B 139 1.74 9.47 -10.80
N ALA B 140 1.54 10.78 -10.92
CA ALA B 140 2.08 11.66 -9.90
C ALA B 140 1.06 12.72 -9.56
N VAL B 141 1.01 13.07 -8.28
CA VAL B 141 0.09 14.03 -7.74
C VAL B 141 0.83 15.08 -6.93
N GLU B 142 0.43 16.34 -7.11
CA GLU B 142 1.07 17.44 -6.41
C GLU B 142 0.02 18.46 -6.04
N TRP B 143 0.32 19.24 -5.01
CA TRP B 143 -0.58 20.32 -4.59
C TRP B 143 0.10 21.69 -4.71
N GLU B 144 -0.71 22.73 -4.89
CA GLU B 144 -0.19 24.09 -5.05
C GLU B 144 -1.16 25.13 -4.55
N SER B 145 -0.63 26.27 -4.14
CA SER B 145 -1.45 27.47 -3.99
C SER B 145 -0.71 28.67 -4.55
N ASN B 146 -1.41 29.57 -5.24
CA ASN B 146 -0.76 30.73 -5.87
C ASN B 146 0.58 30.36 -6.49
N GLY B 147 0.54 29.32 -7.33
CA GLY B 147 1.72 28.81 -8.01
C GLY B 147 2.85 28.48 -7.06
N GLN B 148 2.52 28.25 -5.80
CA GLN B 148 3.51 27.88 -4.80
C GLN B 148 3.26 26.45 -4.39
N PRO B 149 4.31 25.63 -4.38
CA PRO B 149 4.11 24.26 -3.90
C PRO B 149 3.69 24.21 -2.42
N GLU B 150 2.69 23.39 -2.14
CA GLU B 150 2.43 22.94 -0.77
C GLU B 150 3.34 21.73 -0.47
N ASN B 151 3.70 21.57 0.79
CA ASN B 151 4.51 20.45 1.22
C ASN B 151 3.75 19.43 2.04
N ASN B 152 2.73 19.89 2.77
CA ASN B 152 2.08 19.07 3.79
C ASN B 152 0.93 18.22 3.25
N TYR B 153 1.29 17.31 2.34
CA TYR B 153 0.32 16.45 1.73
C TYR B 153 0.83 15.04 1.69
N LYS B 154 -0.07 14.09 1.75
CA LYS B 154 0.31 12.70 1.52
C LYS B 154 -0.63 12.14 0.49
N THR B 155 -0.11 11.20 -0.27
CA THR B 155 -0.87 10.54 -1.30
C THR B 155 -0.87 9.04 -1.05
N THR B 156 -2.05 8.42 -1.10
CA THR B 156 -2.11 6.98 -0.94
C THR B 156 -1.50 6.31 -2.18
N PRO B 157 -0.96 5.10 -2.05
CA PRO B 157 -0.66 4.29 -3.24
C PRO B 157 -1.91 4.09 -4.13
N PRO B 158 -1.69 3.71 -5.40
CA PRO B 158 -2.82 3.38 -6.25
C PRO B 158 -3.45 2.10 -5.78
N VAL B 159 -4.75 2.02 -5.93
CA VAL B 159 -5.49 0.85 -5.51
C VAL B 159 -6.30 0.37 -6.69
N LEU B 160 -6.31 -0.94 -6.89
CA LEU B 160 -7.04 -1.57 -7.98
C LEU B 160 -8.54 -1.50 -7.68
N ASP B 161 -9.29 -0.88 -8.58
CA ASP B 161 -10.73 -0.78 -8.46
C ASP B 161 -11.39 -1.98 -9.13
N SER B 162 -12.70 -2.13 -8.93
CA SER B 162 -13.40 -3.30 -9.47
C SER B 162 -13.34 -3.43 -10.98
N ASP B 163 -13.34 -2.31 -11.70
CA ASP B 163 -13.25 -2.34 -13.16
C ASP B 163 -11.85 -2.54 -13.72
N GLY B 164 -10.85 -2.77 -12.88
CA GLY B 164 -9.47 -2.96 -13.39
C GLY B 164 -8.72 -1.64 -13.64
N SER B 165 -9.35 -0.51 -13.40
CA SER B 165 -8.65 0.75 -13.34
C SER B 165 -8.17 0.95 -11.91
N PHE B 166 -7.40 2.02 -11.67
CA PHE B 166 -6.82 2.33 -10.37
C PHE B 166 -7.39 3.62 -9.84
N PHE B 167 -7.44 3.79 -8.52
CA PHE B 167 -7.70 5.09 -7.94
C PHE B 167 -6.70 5.39 -6.82
N LEU B 168 -6.67 6.62 -6.37
CA LEU B 168 -5.96 6.96 -5.15
C LEU B 168 -6.62 8.17 -4.61
N TYR B 169 -6.26 8.56 -3.39
CA TYR B 169 -6.64 9.84 -2.81
C TYR B 169 -5.38 10.58 -2.40
N SER B 170 -5.39 11.90 -2.54
CA SER B 170 -4.34 12.75 -1.96
C SER B 170 -4.95 13.64 -0.93
N LYS B 171 -4.23 13.86 0.16
CA LYS B 171 -4.75 14.65 1.29
C LYS B 171 -3.84 15.80 1.57
N LEU B 172 -4.39 17.00 1.44
CA LEU B 172 -3.57 18.16 1.73
C LEU B 172 -4.01 18.70 3.06
N THR B 173 -3.06 18.91 3.95
CA THR B 173 -3.43 19.43 5.25
C THR B 173 -3.08 20.93 5.35
N VAL B 174 -4.08 21.75 5.67
CA VAL B 174 -3.80 23.18 5.91
C VAL B 174 -4.38 23.74 7.21
N ASP B 175 -3.72 24.77 7.75
CA ASP B 175 -4.31 25.57 8.83
C ASP B 175 -5.68 26.05 8.38
N LYS B 176 -6.69 25.81 9.21
CA LYS B 176 -8.08 26.14 8.91
C LYS B 176 -8.28 27.61 8.51
N SER B 177 -7.40 28.48 9.00
CA SER B 177 -7.51 29.92 8.73
C SER B 177 -7.34 30.18 7.24
N ARG B 178 -6.32 29.57 6.65
CA ARG B 178 -6.07 29.66 5.20
C ARG B 178 -7.28 29.20 4.42
N TRP B 179 -7.85 28.08 4.82
CA TRP B 179 -9.06 27.60 4.16
C TRP B 179 -10.19 28.60 4.33
N GLN B 180 -10.31 29.13 5.54
CA GLN B 180 -11.39 30.05 5.89
C GLN B 180 -11.23 31.37 5.17
N GLN B 181 -10.01 31.91 5.15
CA GLN B 181 -9.67 33.07 4.34
C GLN B 181 -10.32 32.98 2.94
N GLY B 182 -10.15 31.83 2.28
CA GLY B 182 -10.74 31.59 0.96
C GLY B 182 -9.71 31.38 -0.16
N ASN B 183 -8.45 31.14 0.22
CA ASN B 183 -7.37 30.85 -0.73
C ASN B 183 -7.69 29.63 -1.61
N VAL B 184 -7.10 29.65 -2.81
CA VAL B 184 -7.34 28.61 -3.80
C VAL B 184 -6.21 27.59 -3.71
N PHE B 185 -6.59 26.34 -3.72
CA PHE B 185 -5.63 25.24 -3.66
C PHE B 185 -5.87 24.37 -4.88
N SER B 186 -4.80 23.88 -5.48
CA SER B 186 -4.93 23.08 -6.68
C SER B 186 -4.22 21.72 -6.55
N CYS B 187 -4.97 20.68 -6.92
CA CYS B 187 -4.44 19.36 -7.03
C CYS B 187 -3.98 19.24 -8.45
N SER B 188 -2.71 18.96 -8.67
CA SER B 188 -2.27 18.68 -10.02
C SER B 188 -1.87 17.21 -10.17
N VAL B 189 -2.24 16.65 -11.31
CA VAL B 189 -2.08 15.21 -11.59
C VAL B 189 -1.37 14.99 -12.94
N MET B 190 -0.39 14.12 -12.98
CA MET B 190 0.35 13.83 -14.21
C MET B 190 0.22 12.38 -14.56
N HIS B 191 -0.14 12.09 -15.81
CA HIS B 191 -0.40 10.72 -16.27
C HIS B 191 -0.33 10.67 -17.78
N GLU B 192 0.14 9.56 -18.34
CA GLU B 192 0.30 9.49 -19.78
C GLU B 192 -0.97 9.71 -20.58
N ALA B 193 -2.12 9.40 -20.01
CA ALA B 193 -3.41 9.51 -20.72
C ALA B 193 -4.09 10.89 -20.62
N LEU B 194 -3.52 11.80 -19.85
CA LEU B 194 -3.97 13.19 -19.87
C LEU B 194 -3.38 13.90 -21.09
N HIS B 195 -4.15 14.83 -21.63
CA HIS B 195 -3.65 15.77 -22.62
C HIS B 195 -2.48 16.56 -21.99
N ASN B 196 -1.36 16.65 -22.69
CA ASN B 196 -0.13 17.22 -22.12
C ASN B 196 0.28 16.57 -20.79
N HIS B 197 -0.13 15.32 -20.58
CA HIS B 197 0.29 14.54 -19.41
C HIS B 197 0.06 15.23 -18.08
N TYR B 198 -0.92 16.13 -18.04
CA TYR B 198 -1.03 16.98 -16.90
C TYR B 198 -2.41 17.51 -16.85
N THR B 199 -3.01 17.51 -15.69
CA THR B 199 -4.23 18.28 -15.48
C THR B 199 -4.16 18.85 -14.08
N GLN B 200 -5.14 19.65 -13.73
CA GLN B 200 -5.10 20.40 -12.49
C GLN B 200 -6.51 20.80 -12.09
N LYS B 201 -6.85 20.61 -10.83
CA LYS B 201 -8.18 20.93 -10.34
C LYS B 201 -8.08 21.78 -9.09
N SER B 202 -8.97 22.76 -9.00
CA SER B 202 -8.88 23.71 -7.91
C SER B 202 -9.96 23.57 -6.87
N LEU B 203 -9.63 24.07 -5.69
CA LEU B 203 -10.47 23.95 -4.52
C LEU B 203 -10.32 25.23 -3.72
N SER B 204 -11.43 25.78 -3.24
CA SER B 204 -11.43 26.88 -2.26
C SER B 204 -12.82 27.03 -1.63
N LEU B 205 -12.92 27.91 -0.64
CA LEU B 205 -14.17 28.10 0.09
C LEU B 205 -15.16 28.94 -0.69
#